data_1MOQ
#
_entry.id   1MOQ
#
_cell.length_a   143.700
_cell.length_b   143.700
_cell.length_c   173.600
_cell.angle_alpha   90.00
_cell.angle_beta   90.00
_cell.angle_gamma   120.00
#
_symmetry.space_group_name_H-M   'H 3 2'
#
loop_
_entity.id
_entity.type
_entity.pdbx_description
1 polymer 'GLUCOSAMINE 6-PHOSPHATE SYNTHASE'
2 non-polymer 2-amino-2-deoxy-6-O-phosphono-alpha-D-glucopyranose
3 non-polymer 'SULFATE ION'
4 non-polymer 'SODIUM ION'
5 non-polymer '2-(N-MORPHOLINO)-ETHANESULFONIC ACID'
6 non-polymer (4R)-2-METHYLPENTANE-2,4-DIOL
7 water water
#
_entity_poly.entity_id   1
_entity_poly.type   'polypeptide(L)'
_entity_poly.pdbx_seq_one_letter_code
;DAGDKGIYRHYMQKEIYEQPNAIKNTLTGRISHGQVDLSELGPNADELLSKVEHIQILACGTSYNSGMVSRYWFESLAGI
PCDVEIASEFRYRKSAVRRNSLMITLSQSGETADTLAGLRLSKELGYLGSLAICNVPGSSLVRESDLALMTNAGTEIGVA
STKAFTTQLTVLLMLVAKLSRLKGLDASIEHDIVHGLQALPSRIEQMLSQDKRIEALAEDFSDKHHALFLGRGDQYPIAL
EGALKLKEISYIHAEAYAAGELKHGPLALIDADMPVIVVAPNNELLEKLKSNIEEVRARGGQLYVFADQDAGFVSSDNMH
IIEMPHVEEVIAPIFYTVPLQLLAYHVALIKGTDVDQPRNLAKSVTVE
;
_entity_poly.pdbx_strand_id   A
#
# COMPACT_ATOMS: atom_id res chain seq x y z
N GLY A 3 -22.00 -2.64 11.55
CA GLY A 3 -21.29 -3.82 12.14
C GLY A 3 -20.94 -3.66 13.61
N ASP A 4 -20.29 -4.67 14.21
CA ASP A 4 -19.91 -4.60 15.62
C ASP A 4 -18.43 -4.26 15.82
N LYS A 5 -18.15 -3.26 16.64
CA LYS A 5 -16.79 -2.83 16.91
C LYS A 5 -16.12 -3.69 17.99
N GLY A 6 -16.97 -4.37 18.76
CA GLY A 6 -16.47 -5.19 19.86
C GLY A 6 -15.69 -4.34 20.86
N ILE A 7 -14.44 -4.72 21.06
CA ILE A 7 -13.57 -4.04 21.99
C ILE A 7 -12.97 -2.76 21.43
N TYR A 8 -13.11 -2.52 20.12
CA TYR A 8 -12.51 -1.32 19.53
C TYR A 8 -13.37 -0.07 19.67
N ARG A 9 -12.68 1.08 19.75
CA ARG A 9 -13.38 2.37 19.86
C ARG A 9 -13.95 2.75 18.47
N HIS A 10 -13.20 2.43 17.41
CA HIS A 10 -13.58 2.80 16.06
C HIS A 10 -13.50 1.60 15.11
N TYR A 11 -14.30 1.70 14.03
CA TYR A 11 -14.24 0.68 13.00
C TYR A 11 -12.84 0.67 12.39
N MET A 12 -12.29 1.87 12.13
CA MET A 12 -10.97 1.87 11.50
C MET A 12 -9.95 1.19 12.41
N GLN A 13 -10.09 1.37 13.73
CA GLN A 13 -9.13 0.74 14.67
C GLN A 13 -9.27 -0.78 14.61
N LYS A 14 -10.51 -1.25 14.70
CA LYS A 14 -10.81 -2.68 14.54
C LYS A 14 -10.20 -3.22 13.26
N GLU A 15 -10.40 -2.49 12.15
CA GLU A 15 -9.93 -2.91 10.83
C GLU A 15 -8.43 -2.99 10.72
N ILE A 16 -7.72 -2.12 11.43
CA ILE A 16 -6.24 -2.15 11.46
C ILE A 16 -5.83 -3.46 12.21
N TYR A 17 -6.49 -3.70 13.34
CA TYR A 17 -6.19 -4.89 14.17
C TYR A 17 -6.67 -6.17 13.56
N GLU A 18 -7.58 -6.12 12.61
CA GLU A 18 -8.04 -7.29 11.87
C GLU A 18 -7.08 -7.70 10.77
N GLN A 19 -6.07 -6.88 10.45
CA GLN A 19 -5.17 -7.18 9.36
C GLN A 19 -4.57 -8.55 9.34
N PRO A 20 -4.06 -9.04 10.45
CA PRO A 20 -3.51 -10.43 10.48
C PRO A 20 -4.54 -11.44 10.02
N ASN A 21 -5.75 -11.38 10.59
CA ASN A 21 -6.82 -12.31 10.22
C ASN A 21 -7.31 -12.12 8.80
N ALA A 22 -7.39 -10.84 8.41
CA ALA A 22 -7.81 -10.53 7.02
C ALA A 22 -6.82 -11.10 6.03
N ILE A 23 -5.52 -10.94 6.29
CA ILE A 23 -4.47 -11.48 5.43
C ILE A 23 -4.50 -13.03 5.42
N LYS A 24 -4.69 -13.60 6.60
CA LYS A 24 -4.82 -15.07 6.70
C LYS A 24 -5.99 -15.50 5.80
N ASN A 25 -7.11 -14.81 5.92
CA ASN A 25 -8.29 -15.09 5.11
C ASN A 25 -8.06 -14.91 3.63
N THR A 26 -7.32 -13.90 3.18
CA THR A 26 -7.01 -13.73 1.76
C THR A 26 -6.16 -14.87 1.24
N LEU A 27 -5.32 -15.47 2.10
CA LEU A 27 -4.44 -16.56 1.64
C LEU A 27 -5.18 -17.90 1.58
N THR A 28 -6.28 -17.98 2.31
CA THR A 28 -7.05 -19.22 2.41
C THR A 28 -7.49 -19.77 1.07
N GLY A 29 -7.14 -21.03 0.78
CA GLY A 29 -7.44 -21.71 -0.46
C GLY A 29 -6.52 -21.38 -1.61
N ARG A 30 -5.59 -20.44 -1.42
CA ARG A 30 -4.74 -19.99 -2.51
C ARG A 30 -3.29 -20.38 -2.38
N ILE A 31 -3.00 -21.15 -1.32
CA ILE A 31 -1.62 -21.62 -1.16
C ILE A 31 -1.79 -23.17 -1.13
N SER A 32 -1.27 -23.86 -2.12
CA SER A 32 -1.41 -25.33 -2.20
C SER A 32 -0.04 -25.96 -2.35
N HIS A 33 0.43 -26.66 -1.31
CA HIS A 33 1.74 -27.30 -1.41
C HIS A 33 2.86 -26.29 -1.66
N GLY A 34 2.82 -25.17 -0.96
CA GLY A 34 3.88 -24.16 -1.07
C GLY A 34 3.84 -23.29 -2.33
N GLN A 35 2.76 -23.47 -3.08
CA GLN A 35 2.59 -22.74 -4.32
C GLN A 35 1.27 -22.01 -4.43
N VAL A 36 1.31 -20.85 -5.12
CA VAL A 36 0.08 -20.05 -5.25
C VAL A 36 -0.91 -20.76 -6.15
N ASP A 37 -2.12 -20.94 -5.62
CA ASP A 37 -3.17 -21.63 -6.35
C ASP A 37 -4.31 -20.66 -6.69
N LEU A 38 -4.36 -20.24 -7.96
CA LEU A 38 -5.39 -19.30 -8.39
C LEU A 38 -6.37 -20.02 -9.32
N SER A 39 -6.61 -21.29 -9.00
CA SER A 39 -7.51 -22.11 -9.81
C SER A 39 -8.94 -21.61 -9.74
N GLU A 40 -9.22 -20.76 -8.76
CA GLU A 40 -10.57 -20.18 -8.67
C GLU A 40 -10.86 -19.34 -9.93
N LEU A 41 -9.85 -18.97 -10.69
CA LEU A 41 -10.03 -18.11 -11.86
C LEU A 41 -10.54 -18.93 -13.04
N GLY A 42 -10.59 -20.25 -12.86
CA GLY A 42 -11.02 -21.14 -13.92
C GLY A 42 -9.89 -21.79 -14.69
N PRO A 43 -10.26 -22.64 -15.63
CA PRO A 43 -9.39 -23.43 -16.46
C PRO A 43 -8.79 -22.77 -17.67
N ASN A 44 -9.20 -21.55 -18.01
CA ASN A 44 -8.62 -20.85 -19.15
C ASN A 44 -7.78 -19.68 -18.63
N ALA A 45 -7.84 -19.48 -17.31
CA ALA A 45 -7.10 -18.39 -16.68
C ALA A 45 -5.62 -18.40 -17.02
N ASP A 46 -4.93 -19.54 -16.89
CA ASP A 46 -3.51 -19.61 -17.16
C ASP A 46 -3.10 -19.37 -18.60
N GLU A 47 -3.98 -19.71 -19.53
CA GLU A 47 -3.70 -19.47 -20.95
C GLU A 47 -3.70 -17.95 -21.18
N LEU A 48 -4.70 -17.28 -20.58
CA LEU A 48 -4.76 -15.83 -20.70
C LEU A 48 -3.52 -15.23 -20.01
N LEU A 49 -3.33 -15.58 -18.74
CA LEU A 49 -2.22 -15.06 -17.94
C LEU A 49 -0.86 -15.30 -18.53
N SER A 50 -0.66 -16.46 -19.21
CA SER A 50 0.62 -16.73 -19.84
C SER A 50 0.87 -15.82 -21.04
N LYS A 51 -0.19 -15.31 -21.67
CA LYS A 51 -0.01 -14.45 -22.83
C LYS A 51 0.37 -13.01 -22.43
N VAL A 52 0.20 -12.67 -21.16
CA VAL A 52 0.48 -11.30 -20.70
C VAL A 52 1.92 -10.86 -20.81
N GLU A 53 2.15 -9.71 -21.46
CA GLU A 53 3.46 -9.12 -21.63
C GLU A 53 3.58 -7.72 -20.98
N HIS A 54 2.42 -7.23 -20.55
CA HIS A 54 2.39 -5.90 -19.92
C HIS A 54 1.19 -5.91 -19.00
N ILE A 55 1.30 -5.19 -17.88
CA ILE A 55 0.19 -5.09 -16.95
C ILE A 55 -0.15 -3.58 -16.78
N GLN A 56 -1.43 -3.29 -16.89
CA GLN A 56 -1.89 -1.89 -16.67
C GLN A 56 -2.74 -1.95 -15.43
N ILE A 57 -2.49 -1.09 -14.44
CA ILE A 57 -3.34 -1.07 -13.25
C ILE A 57 -4.03 0.32 -13.15
N LEU A 58 -5.30 0.28 -12.88
CA LEU A 58 -6.03 1.54 -12.66
C LEU A 58 -6.70 1.54 -11.28
N ALA A 59 -6.68 2.68 -10.60
CA ALA A 59 -7.36 2.72 -9.32
C ALA A 59 -7.38 4.19 -8.83
N CYS A 60 -8.06 4.41 -7.73
CA CYS A 60 -8.06 5.75 -7.13
C CYS A 60 -7.69 5.69 -5.63
N GLY A 61 -7.34 6.81 -5.04
CA GLY A 61 -7.11 6.84 -3.59
C GLY A 61 -6.10 5.78 -3.13
N THR A 62 -6.47 5.15 -2.01
CA THR A 62 -5.54 4.15 -1.38
C THR A 62 -5.32 2.98 -2.32
N SER A 63 -6.32 2.69 -3.19
CA SER A 63 -6.15 1.57 -4.14
C SER A 63 -5.10 1.88 -5.16
N TYR A 64 -4.85 3.17 -5.48
CA TYR A 64 -3.77 3.48 -6.38
C TYR A 64 -2.42 3.18 -5.68
N ASN A 65 -2.34 3.47 -4.37
CA ASN A 65 -1.08 3.26 -3.63
C ASN A 65 -0.71 1.76 -3.64
N SER A 66 -1.70 0.86 -3.46
CA SER A 66 -1.31 -0.58 -3.48
C SER A 66 -0.87 -0.99 -4.88
N GLY A 67 -1.55 -0.46 -5.92
CA GLY A 67 -1.09 -0.78 -7.28
C GLY A 67 0.34 -0.31 -7.51
N MET A 68 0.66 0.90 -6.98
CA MET A 68 1.99 1.48 -7.12
C MET A 68 3.06 0.60 -6.46
N VAL A 69 2.75 0.02 -5.29
CA VAL A 69 3.74 -0.90 -4.67
C VAL A 69 3.96 -2.09 -5.66
N SER A 70 2.86 -2.67 -6.11
CA SER A 70 2.91 -3.88 -6.95
C SER A 70 3.69 -3.71 -8.21
N ARG A 71 3.75 -2.50 -8.76
CA ARG A 71 4.54 -2.30 -9.98
C ARG A 71 6.00 -2.75 -9.78
N TYR A 72 6.58 -2.41 -8.61
CA TYR A 72 7.97 -2.76 -8.30
C TYR A 72 8.12 -4.29 -8.25
N TRP A 73 7.12 -4.95 -7.66
CA TRP A 73 7.14 -6.41 -7.58
C TRP A 73 6.96 -7.05 -8.98
N PHE A 74 5.97 -6.60 -9.75
CA PHE A 74 5.81 -7.22 -11.11
C PHE A 74 7.08 -7.05 -11.91
N GLU A 75 7.75 -5.92 -11.90
CA GLU A 75 8.92 -5.72 -12.71
C GLU A 75 10.16 -6.45 -12.21
N SER A 76 10.46 -6.28 -10.92
CA SER A 76 11.69 -6.83 -10.36
C SER A 76 11.58 -8.34 -10.13
N LEU A 77 10.41 -8.86 -9.82
CA LEU A 77 10.26 -10.27 -9.52
C LEU A 77 9.72 -11.11 -10.66
N ALA A 78 8.68 -10.66 -11.35
CA ALA A 78 8.12 -11.43 -12.45
C ALA A 78 8.72 -10.96 -13.77
N GLY A 79 9.52 -9.91 -13.79
CA GLY A 79 10.10 -9.37 -15.01
C GLY A 79 9.05 -8.90 -16.01
N ILE A 80 7.85 -8.52 -15.57
CA ILE A 80 6.79 -8.05 -16.47
C ILE A 80 6.58 -6.54 -16.37
N PRO A 81 6.66 -5.83 -17.46
CA PRO A 81 6.41 -4.38 -17.54
C PRO A 81 5.07 -4.08 -16.92
N CYS A 82 5.05 -3.05 -16.04
CA CYS A 82 3.81 -2.72 -15.35
C CYS A 82 3.63 -1.19 -15.25
N ASP A 83 2.45 -0.74 -15.62
CA ASP A 83 2.13 0.68 -15.50
C ASP A 83 0.93 0.82 -14.57
N VAL A 84 0.95 1.87 -13.69
CA VAL A 84 -0.14 2.07 -12.77
C VAL A 84 -0.59 3.54 -12.95
N GLU A 85 -1.90 3.71 -13.05
CA GLU A 85 -2.37 5.12 -13.24
C GLU A 85 -3.62 5.41 -12.49
N ILE A 86 -3.77 6.68 -12.04
CA ILE A 86 -5.02 7.15 -11.41
C ILE A 86 -6.15 6.93 -12.43
N ALA A 87 -7.25 6.32 -12.04
CA ALA A 87 -8.30 6.02 -13.03
C ALA A 87 -8.84 7.25 -13.75
N SER A 88 -9.00 8.39 -13.09
CA SER A 88 -9.48 9.62 -13.76
C SER A 88 -8.48 10.06 -14.81
N GLU A 89 -7.17 9.90 -14.58
CA GLU A 89 -6.21 10.29 -15.61
C GLU A 89 -6.36 9.39 -16.84
N PHE A 90 -6.55 8.09 -16.57
CA PHE A 90 -6.69 7.16 -17.69
C PHE A 90 -7.96 7.45 -18.51
N ARG A 91 -9.10 7.60 -17.85
CA ARG A 91 -10.35 7.75 -18.60
C ARG A 91 -10.43 9.03 -19.42
N TYR A 92 -9.66 10.06 -19.14
CA TYR A 92 -9.77 11.31 -19.91
C TYR A 92 -8.69 11.54 -20.91
N ARG A 93 -7.80 10.59 -21.14
CA ARG A 93 -6.73 10.77 -22.10
C ARG A 93 -6.75 9.65 -23.14
N LYS A 94 -6.16 10.00 -24.31
CA LYS A 94 -6.01 9.00 -25.36
C LYS A 94 -4.65 8.33 -25.07
N SER A 95 -4.75 7.07 -24.67
CA SER A 95 -3.54 6.32 -24.32
C SER A 95 -3.08 5.40 -25.44
N ALA A 96 -1.82 4.99 -25.33
CA ALA A 96 -1.21 4.03 -26.27
C ALA A 96 -1.26 2.68 -25.57
N VAL A 97 -2.11 1.75 -25.96
CA VAL A 97 -2.22 0.46 -25.28
C VAL A 97 -1.02 -0.42 -25.65
N ARG A 98 -0.43 -1.10 -24.66
CA ARG A 98 0.72 -1.96 -24.94
C ARG A 98 0.22 -3.32 -25.46
N ARG A 99 1.14 -4.00 -26.14
CA ARG A 99 0.84 -5.33 -26.70
C ARG A 99 0.62 -6.36 -25.60
N ASN A 100 -0.42 -7.16 -25.75
CA ASN A 100 -0.78 -8.20 -24.82
C ASN A 100 -0.80 -7.68 -23.39
N SER A 101 -1.59 -6.62 -23.24
CA SER A 101 -1.71 -5.97 -21.93
C SER A 101 -2.89 -6.47 -21.15
N LEU A 102 -2.65 -6.78 -19.86
CA LEU A 102 -3.70 -7.19 -18.95
C LEU A 102 -4.16 -5.93 -18.16
N MET A 103 -5.45 -5.69 -18.15
CA MET A 103 -6.00 -4.58 -17.37
C MET A 103 -6.42 -5.11 -15.99
N ILE A 104 -5.88 -4.48 -14.95
CA ILE A 104 -6.20 -4.83 -13.58
C ILE A 104 -6.80 -3.57 -12.88
N THR A 105 -7.93 -3.76 -12.24
CA THR A 105 -8.48 -2.65 -11.46
C THR A 105 -8.37 -3.05 -9.97
N LEU A 106 -8.07 -2.06 -9.15
CA LEU A 106 -8.01 -2.32 -7.70
C LEU A 106 -9.10 -1.44 -7.08
N SER A 107 -9.96 -2.00 -6.27
CA SER A 107 -10.99 -1.20 -5.65
C SER A 107 -11.54 -1.89 -4.43
N GLN A 108 -11.60 -1.22 -3.27
CA GLN A 108 -12.23 -1.89 -2.13
C GLN A 108 -13.70 -2.15 -2.45
N SER A 109 -14.38 -1.07 -2.85
CA SER A 109 -15.82 -1.11 -3.11
C SER A 109 -16.26 -1.74 -4.43
N GLY A 110 -15.52 -1.69 -5.50
CA GLY A 110 -15.93 -2.24 -6.79
C GLY A 110 -16.92 -1.28 -7.48
N GLU A 111 -17.14 -0.09 -6.93
CA GLU A 111 -18.10 0.86 -7.48
C GLU A 111 -17.57 2.26 -7.79
N THR A 112 -16.31 2.56 -7.52
CA THR A 112 -15.77 3.88 -7.78
C THR A 112 -16.01 4.28 -9.24
N ALA A 113 -16.68 5.42 -9.45
CA ALA A 113 -17.01 5.82 -10.83
C ALA A 113 -15.85 5.91 -11.76
N ASP A 114 -14.73 6.54 -11.34
CA ASP A 114 -13.59 6.64 -12.26
C ASP A 114 -12.98 5.28 -12.64
N THR A 115 -12.85 4.41 -11.63
CA THR A 115 -12.25 3.10 -11.87
C THR A 115 -13.16 2.28 -12.83
N LEU A 116 -14.45 2.32 -12.57
CA LEU A 116 -15.44 1.61 -13.42
C LEU A 116 -15.41 2.20 -14.83
N ALA A 117 -15.32 3.53 -14.95
CA ALA A 117 -15.21 4.14 -16.27
C ALA A 117 -13.94 3.64 -16.96
N GLY A 118 -12.82 3.57 -16.26
CA GLY A 118 -11.58 3.08 -16.84
C GLY A 118 -11.73 1.65 -17.35
N LEU A 119 -12.36 0.77 -16.60
CA LEU A 119 -12.57 -0.62 -17.03
C LEU A 119 -13.45 -0.65 -18.30
N ARG A 120 -14.57 0.08 -18.25
CA ARG A 120 -15.48 0.08 -19.42
C ARG A 120 -14.77 0.58 -20.65
N LEU A 121 -14.04 1.68 -20.52
CA LEU A 121 -13.28 2.22 -21.65
C LEU A 121 -12.25 1.23 -22.19
N SER A 122 -11.55 0.52 -21.30
CA SER A 122 -10.52 -0.41 -21.68
C SER A 122 -11.12 -1.52 -22.55
N LYS A 123 -12.39 -1.85 -22.39
CA LYS A 123 -13.00 -2.90 -23.20
C LYS A 123 -12.97 -2.62 -24.69
N GLU A 124 -12.77 -1.37 -25.04
CA GLU A 124 -12.74 -0.95 -26.43
C GLU A 124 -11.36 -0.62 -26.93
N LEU A 125 -10.34 -0.74 -26.07
CA LEU A 125 -8.99 -0.36 -26.36
C LEU A 125 -8.01 -1.45 -26.67
N GLY A 126 -8.46 -2.69 -26.76
CA GLY A 126 -7.53 -3.76 -27.11
C GLY A 126 -6.71 -4.42 -26.02
N TYR A 127 -7.22 -4.48 -24.79
CA TYR A 127 -6.45 -5.19 -23.74
C TYR A 127 -6.69 -6.68 -23.91
N LEU A 128 -5.83 -7.54 -23.41
CA LEU A 128 -6.06 -8.98 -23.50
C LEU A 128 -7.32 -9.34 -22.72
N GLY A 129 -7.53 -8.68 -21.58
CA GLY A 129 -8.69 -8.98 -20.75
C GLY A 129 -8.54 -8.17 -19.43
N SER A 130 -9.49 -8.36 -18.56
CA SER A 130 -9.45 -7.61 -17.30
C SER A 130 -9.54 -8.50 -16.09
N LEU A 131 -8.91 -8.03 -15.02
CA LEU A 131 -8.93 -8.73 -13.74
C LEU A 131 -9.28 -7.68 -12.67
N ALA A 132 -10.30 -7.95 -11.87
CA ALA A 132 -10.70 -7.07 -10.81
C ALA A 132 -10.16 -7.63 -9.48
N ILE A 133 -9.48 -6.77 -8.73
CA ILE A 133 -9.04 -7.18 -7.37
C ILE A 133 -9.92 -6.30 -6.48
N CYS A 134 -10.86 -6.88 -5.75
CA CYS A 134 -11.87 -6.11 -5.03
C CYS A 134 -12.32 -6.74 -3.74
N ASN A 135 -12.91 -6.00 -2.79
CA ASN A 135 -13.34 -6.54 -1.52
C ASN A 135 -14.83 -6.75 -1.40
N VAL A 136 -15.59 -6.30 -2.41
CA VAL A 136 -17.05 -6.42 -2.38
C VAL A 136 -17.53 -7.28 -3.55
N PRO A 137 -18.02 -8.45 -3.19
CA PRO A 137 -18.50 -9.43 -4.15
C PRO A 137 -19.74 -8.89 -4.86
N GLY A 138 -19.86 -9.21 -6.15
CA GLY A 138 -21.02 -8.78 -6.90
C GLY A 138 -21.08 -7.31 -7.23
N SER A 139 -20.01 -6.58 -6.99
CA SER A 139 -19.99 -5.14 -7.28
C SER A 139 -19.76 -4.98 -8.77
N SER A 140 -19.97 -3.78 -9.31
CA SER A 140 -19.82 -3.57 -10.75
C SER A 140 -18.49 -3.97 -11.30
N LEU A 141 -17.40 -3.58 -10.61
CA LEU A 141 -16.07 -3.92 -11.18
C LEU A 141 -15.85 -5.44 -11.28
N VAL A 142 -16.41 -6.13 -10.28
CA VAL A 142 -16.26 -7.60 -10.25
C VAL A 142 -17.09 -8.19 -11.39
N ARG A 143 -18.37 -7.79 -11.46
CA ARG A 143 -19.25 -8.30 -12.52
C ARG A 143 -18.77 -8.03 -13.91
N GLU A 144 -18.22 -6.86 -14.18
CA GLU A 144 -17.79 -6.48 -15.53
C GLU A 144 -16.41 -6.89 -15.93
N SER A 145 -15.62 -7.47 -15.02
CA SER A 145 -14.25 -7.85 -15.43
C SER A 145 -14.26 -9.29 -15.92
N ASP A 146 -13.28 -9.69 -16.69
CA ASP A 146 -13.22 -11.09 -17.14
C ASP A 146 -12.95 -12.03 -15.98
N LEU A 147 -12.01 -11.64 -15.14
CA LEU A 147 -11.56 -12.38 -13.97
C LEU A 147 -11.66 -11.53 -12.70
N ALA A 148 -11.82 -12.18 -11.55
CA ALA A 148 -11.86 -11.43 -10.30
C ALA A 148 -11.15 -12.23 -9.18
N LEU A 149 -10.38 -11.53 -8.35
CA LEU A 149 -9.75 -12.17 -7.18
C LEU A 149 -10.23 -11.34 -5.99
N MET A 150 -11.12 -11.86 -5.15
CA MET A 150 -11.62 -11.09 -4.02
C MET A 150 -10.60 -11.03 -2.88
N THR A 151 -10.53 -9.91 -2.17
CA THR A 151 -9.55 -9.82 -1.09
C THR A 151 -10.04 -10.51 0.16
N ASN A 152 -11.32 -10.73 0.36
CA ASN A 152 -11.73 -11.50 1.58
C ASN A 152 -11.32 -10.91 2.91
N ALA A 153 -11.31 -9.59 3.05
CA ALA A 153 -10.94 -8.91 4.29
C ALA A 153 -12.09 -8.72 5.24
N GLY A 154 -13.30 -9.04 4.76
CA GLY A 154 -14.51 -8.78 5.56
C GLY A 154 -14.93 -7.31 5.27
N THR A 155 -16.14 -6.91 5.63
CA THR A 155 -16.56 -5.54 5.31
C THR A 155 -15.66 -4.52 6.02
N GLU A 156 -15.42 -3.42 5.31
CA GLU A 156 -14.58 -2.34 5.82
C GLU A 156 -15.47 -1.10 5.93
N ILE A 157 -15.73 -0.68 7.14
CA ILE A 157 -16.62 0.44 7.42
C ILE A 157 -15.89 1.76 7.56
N GLY A 158 -14.66 1.77 8.08
CA GLY A 158 -13.91 3.03 8.19
C GLY A 158 -13.84 3.68 6.81
N VAL A 159 -14.04 5.02 6.76
CA VAL A 159 -13.98 5.68 5.45
C VAL A 159 -12.61 5.56 4.83
N ALA A 160 -11.56 5.57 5.64
CA ALA A 160 -10.19 5.40 5.17
C ALA A 160 -9.86 3.90 5.12
N SER A 161 -9.31 3.38 4.05
CA SER A 161 -9.00 1.96 3.87
C SER A 161 -7.74 1.52 4.64
N THR A 162 -7.83 0.36 5.31
CA THR A 162 -6.68 -0.17 6.06
C THR A 162 -6.50 -1.64 5.60
N LYS A 163 -7.36 -2.52 6.14
CA LYS A 163 -7.25 -3.95 5.73
C LYS A 163 -7.51 -4.13 4.26
N ALA A 164 -8.31 -3.23 3.63
CA ALA A 164 -8.51 -3.41 2.17
C ALA A 164 -7.20 -3.22 1.43
N PHE A 165 -6.33 -2.35 1.91
CA PHE A 165 -5.06 -2.04 1.27
C PHE A 165 -4.04 -3.19 1.43
N THR A 166 -3.91 -3.65 2.67
CA THR A 166 -2.93 -4.74 2.91
C THR A 166 -3.42 -6.01 2.26
N THR A 167 -4.74 -6.26 2.21
CA THR A 167 -5.17 -7.49 1.50
C THR A 167 -5.01 -7.32 0.00
N GLN A 168 -5.13 -6.08 -0.53
CA GLN A 168 -4.90 -5.88 -1.97
C GLN A 168 -3.44 -6.25 -2.24
N LEU A 169 -2.54 -5.78 -1.35
CA LEU A 169 -1.12 -6.05 -1.53
C LEU A 169 -0.86 -7.59 -1.50
N THR A 170 -1.60 -8.24 -0.60
CA THR A 170 -1.45 -9.72 -0.49
C THR A 170 -1.87 -10.40 -1.78
N VAL A 171 -3.05 -10.03 -2.32
CA VAL A 171 -3.48 -10.64 -3.60
C VAL A 171 -2.50 -10.30 -4.72
N LEU A 172 -2.04 -9.02 -4.78
CA LEU A 172 -1.10 -8.64 -5.82
C LEU A 172 0.18 -9.47 -5.79
N LEU A 173 0.70 -9.66 -4.55
CA LEU A 173 1.93 -10.45 -4.40
C LEU A 173 1.70 -11.91 -4.83
N MET A 174 0.53 -12.47 -4.49
CA MET A 174 0.24 -13.85 -5.00
C MET A 174 0.23 -13.89 -6.52
N LEU A 175 -0.32 -12.85 -7.15
CA LEU A 175 -0.35 -12.79 -8.62
C LEU A 175 1.04 -12.68 -9.17
N VAL A 176 1.93 -11.90 -8.54
CA VAL A 176 3.31 -11.79 -8.98
C VAL A 176 3.97 -13.21 -8.98
N ALA A 177 3.70 -13.91 -7.86
CA ALA A 177 4.25 -15.28 -7.74
C ALA A 177 3.73 -16.20 -8.85
N LYS A 178 2.41 -16.22 -9.03
CA LYS A 178 1.79 -17.04 -10.08
C LYS A 178 2.33 -16.73 -11.47
N LEU A 179 2.49 -15.46 -11.82
CA LEU A 179 3.05 -15.07 -13.10
C LEU A 179 4.53 -15.43 -13.21
N SER A 180 5.32 -15.36 -12.12
CA SER A 180 6.73 -15.72 -12.23
C SER A 180 6.84 -17.22 -12.62
N ARG A 181 5.90 -17.99 -12.09
CA ARG A 181 5.86 -19.43 -12.37
C ARG A 181 5.36 -19.68 -13.79
N LEU A 182 4.32 -18.99 -14.26
CA LEU A 182 3.85 -19.14 -15.64
C LEU A 182 4.92 -18.73 -16.63
N LYS A 183 5.83 -17.86 -16.28
CA LYS A 183 6.91 -17.43 -17.15
C LYS A 183 8.13 -18.32 -17.00
N GLY A 184 8.00 -19.37 -16.17
CA GLY A 184 9.09 -20.31 -15.95
C GLY A 184 10.32 -19.69 -15.32
N LEU A 185 10.10 -18.74 -14.40
CA LEU A 185 11.20 -18.09 -13.70
C LEU A 185 11.62 -18.99 -12.52
N ASP A 186 12.74 -18.64 -11.92
CA ASP A 186 13.22 -19.38 -10.76
C ASP A 186 12.13 -19.58 -9.72
N ALA A 187 11.94 -20.84 -9.33
CA ALA A 187 10.96 -21.24 -8.34
C ALA A 187 11.16 -20.56 -6.99
N SER A 188 12.36 -20.04 -6.73
CA SER A 188 12.59 -19.40 -5.44
C SER A 188 11.76 -18.12 -5.33
N ILE A 189 11.46 -17.50 -6.48
CA ILE A 189 10.68 -16.26 -6.39
C ILE A 189 9.36 -16.57 -5.72
N GLU A 190 8.69 -17.62 -6.24
CA GLU A 190 7.41 -17.97 -5.64
C GLU A 190 7.55 -18.43 -4.19
N HIS A 191 8.59 -19.23 -3.91
CA HIS A 191 8.73 -19.73 -2.51
C HIS A 191 8.96 -18.58 -1.55
N ASP A 192 9.83 -17.64 -1.95
CA ASP A 192 10.04 -16.46 -1.07
C ASP A 192 8.75 -15.73 -0.70
N ILE A 193 7.94 -15.49 -1.76
CA ILE A 193 6.64 -14.82 -1.61
C ILE A 193 5.71 -15.59 -0.70
N VAL A 194 5.61 -16.93 -0.98
CA VAL A 194 4.74 -17.74 -0.13
C VAL A 194 5.19 -17.75 1.33
N HIS A 195 6.50 -17.89 1.54
CA HIS A 195 6.97 -17.91 2.93
C HIS A 195 6.75 -16.54 3.59
N GLY A 196 7.05 -15.49 2.82
CA GLY A 196 6.84 -14.14 3.39
C GLY A 196 5.38 -13.95 3.73
N LEU A 197 4.50 -14.32 2.79
CA LEU A 197 3.05 -14.14 3.06
C LEU A 197 2.55 -14.94 4.22
N GLN A 198 2.99 -16.23 4.28
CA GLN A 198 2.49 -17.07 5.40
C GLN A 198 2.96 -16.60 6.77
N ALA A 199 4.12 -15.97 6.81
CA ALA A 199 4.65 -15.41 8.05
C ALA A 199 4.02 -14.05 8.38
N LEU A 200 3.48 -13.39 7.36
CA LEU A 200 2.96 -12.02 7.60
C LEU A 200 1.96 -11.79 8.68
N PRO A 201 0.91 -12.59 8.78
CA PRO A 201 -0.08 -12.38 9.81
C PRO A 201 0.53 -12.29 11.20
N SER A 202 1.44 -13.24 11.50
CA SER A 202 2.07 -13.27 12.85
C SER A 202 3.04 -12.12 13.05
N ARG A 203 3.73 -11.67 12.01
CA ARG A 203 4.60 -10.48 12.19
C ARG A 203 3.78 -9.21 12.49
N ILE A 204 2.67 -9.06 11.75
CA ILE A 204 1.81 -7.88 12.01
C ILE A 204 1.25 -7.96 13.41
N GLU A 205 0.86 -9.15 13.84
CA GLU A 205 0.33 -9.33 15.20
C GLU A 205 1.38 -8.90 16.22
N GLN A 206 2.63 -9.23 15.91
CA GLN A 206 3.71 -8.90 16.82
C GLN A 206 3.84 -7.37 16.95
N MET A 207 3.94 -6.75 15.81
CA MET A 207 4.01 -5.32 15.69
C MET A 207 2.79 -4.61 16.32
N LEU A 208 1.59 -5.12 16.15
CA LEU A 208 0.42 -4.52 16.74
C LEU A 208 0.49 -4.51 18.27
N SER A 209 1.42 -5.28 18.84
CA SER A 209 1.51 -5.29 20.31
C SER A 209 2.41 -4.18 20.84
N GLN A 210 3.22 -3.57 19.98
CA GLN A 210 4.12 -2.49 20.27
C GLN A 210 3.55 -1.13 19.81
N ASP A 211 2.33 -0.91 20.26
CA ASP A 211 1.62 0.35 19.91
C ASP A 211 1.90 1.33 21.02
N LYS A 212 3.17 1.54 21.36
CA LYS A 212 3.57 2.46 22.40
C LYS A 212 4.64 3.42 21.86
N ARG A 213 5.54 2.88 21.02
CA ARG A 213 6.52 3.85 20.47
C ARG A 213 5.71 4.67 19.44
N ILE A 214 4.67 4.03 18.88
CA ILE A 214 3.82 4.73 17.90
C ILE A 214 3.00 5.81 18.61
N GLU A 215 2.41 5.49 19.76
CA GLU A 215 1.68 6.51 20.53
C GLU A 215 2.61 7.68 20.85
N ALA A 216 3.85 7.46 21.24
CA ALA A 216 4.76 8.55 21.51
C ALA A 216 5.12 9.38 20.30
N LEU A 217 5.34 8.74 19.14
CA LEU A 217 5.65 9.56 17.96
C LEU A 217 4.38 10.36 17.65
N ALA A 218 3.22 9.72 17.87
CA ALA A 218 1.95 10.42 17.53
C ALA A 218 1.90 11.71 18.34
N GLU A 219 2.33 11.66 19.61
CA GLU A 219 2.33 12.86 20.42
C GLU A 219 3.22 13.91 19.79
N ASP A 220 4.34 13.54 19.18
CA ASP A 220 5.23 14.52 18.58
C ASP A 220 4.61 15.19 17.34
N PHE A 221 3.74 14.44 16.65
CA PHE A 221 3.16 14.95 15.41
C PHE A 221 1.82 15.63 15.64
N SER A 222 1.16 15.42 16.77
CA SER A 222 -0.20 15.88 16.92
C SER A 222 -0.41 17.38 16.81
N ASP A 223 0.63 18.18 17.03
CA ASP A 223 0.53 19.63 16.96
C ASP A 223 1.16 20.17 15.68
N LYS A 224 1.60 19.30 14.78
CA LYS A 224 2.25 19.78 13.56
C LYS A 224 1.19 19.97 12.46
N HIS A 225 1.51 20.94 11.60
CA HIS A 225 0.58 21.21 10.50
C HIS A 225 1.11 20.75 9.16
N HIS A 226 2.34 20.25 9.14
CA HIS A 226 2.92 19.76 7.91
C HIS A 226 3.72 18.47 8.25
N ALA A 227 3.96 17.66 7.22
CA ALA A 227 4.82 16.47 7.39
C ALA A 227 5.30 16.09 6.00
N LEU A 228 6.49 15.52 5.91
CA LEU A 228 6.99 15.05 4.61
C LEU A 228 7.26 13.53 4.76
N PHE A 229 6.65 12.68 3.99
CA PHE A 229 6.91 11.22 4.06
C PHE A 229 7.81 10.83 2.90
N LEU A 230 8.95 10.19 3.16
CA LEU A 230 9.87 9.77 2.13
C LEU A 230 10.02 8.24 2.06
N GLY A 231 10.15 7.75 0.85
CA GLY A 231 10.38 6.31 0.69
C GLY A 231 11.06 6.16 -0.68
N ARG A 232 11.83 5.09 -0.85
CA ARG A 232 12.50 4.78 -2.11
C ARG A 232 11.96 3.44 -2.61
N GLY A 233 11.80 3.31 -3.94
CA GLY A 233 11.38 2.01 -4.46
C GLY A 233 10.06 1.54 -3.93
N ASP A 234 9.95 0.24 -3.62
CA ASP A 234 8.69 -0.32 -3.16
C ASP A 234 8.20 0.27 -1.85
N GLN A 235 8.99 1.13 -1.19
CA GLN A 235 8.52 1.79 0.03
C GLN A 235 8.02 3.24 -0.27
N TYR A 236 8.28 3.71 -1.50
CA TYR A 236 7.78 5.06 -1.88
C TYR A 236 6.26 5.09 -1.84
N PRO A 237 5.56 4.10 -2.37
CA PRO A 237 4.11 4.02 -2.31
C PRO A 237 3.60 3.85 -0.90
N ILE A 238 4.49 3.29 0.00
CA ILE A 238 4.09 3.16 1.42
C ILE A 238 4.16 4.55 2.09
N ALA A 239 5.17 5.36 1.71
CA ALA A 239 5.26 6.76 2.10
C ALA A 239 3.98 7.46 1.55
N LEU A 240 3.61 7.19 0.30
CA LEU A 240 2.39 7.81 -0.25
C LEU A 240 1.19 7.50 0.64
N GLU A 241 1.01 6.22 1.00
CA GLU A 241 -0.13 5.80 1.83
C GLU A 241 -0.10 6.36 3.25
N GLY A 242 1.12 6.46 3.82
CA GLY A 242 1.29 7.03 5.15
C GLY A 242 0.89 8.53 5.12
N ALA A 243 1.34 9.28 4.13
CA ALA A 243 0.98 10.72 4.06
C ALA A 243 -0.52 10.84 3.81
N LEU A 244 -1.07 9.99 2.94
CA LEU A 244 -2.53 10.05 2.66
C LEU A 244 -3.29 9.80 3.94
N LYS A 245 -2.87 8.76 4.73
CA LYS A 245 -3.59 8.51 5.99
C LYS A 245 -3.56 9.70 6.96
N LEU A 246 -2.41 10.37 7.07
CA LEU A 246 -2.31 11.53 7.97
C LEU A 246 -3.22 12.66 7.45
N LYS A 247 -3.29 12.85 6.13
CA LYS A 247 -4.22 13.85 5.58
C LYS A 247 -5.66 13.48 5.96
N GLU A 248 -6.03 12.22 5.66
CA GLU A 248 -7.38 11.73 5.80
C GLU A 248 -8.00 11.89 7.17
N ILE A 249 -7.34 11.38 8.22
CA ILE A 249 -7.94 11.37 9.55
C ILE A 249 -7.34 12.31 10.56
N SER A 250 -6.20 12.94 10.27
CA SER A 250 -5.71 13.93 11.24
C SER A 250 -5.80 15.33 10.62
N TYR A 251 -6.02 15.41 9.29
CA TYR A 251 -6.12 16.73 8.65
C TYR A 251 -4.82 17.49 8.68
N ILE A 252 -3.69 16.79 8.85
CA ILE A 252 -2.39 17.43 8.80
C ILE A 252 -1.94 17.44 7.33
N HIS A 253 -1.31 18.55 6.94
CA HIS A 253 -0.82 18.60 5.54
C HIS A 253 0.48 17.78 5.38
N ALA A 254 0.27 16.47 5.24
CA ALA A 254 1.32 15.49 5.07
C ALA A 254 1.44 15.21 3.56
N GLU A 255 2.66 15.30 3.07
CA GLU A 255 2.92 15.07 1.65
C GLU A 255 4.03 14.01 1.51
N ALA A 256 3.81 13.05 0.61
CA ALA A 256 4.82 12.03 0.34
C ALA A 256 5.70 12.48 -0.82
N TYR A 257 6.94 12.00 -0.89
CA TYR A 257 7.88 12.39 -1.93
C TYR A 257 8.87 11.25 -2.14
N ALA A 258 9.35 11.06 -3.35
CA ALA A 258 10.38 10.01 -3.58
C ALA A 258 11.60 10.46 -2.75
N ALA A 259 12.23 9.53 -2.02
CA ALA A 259 13.34 9.94 -1.14
C ALA A 259 14.47 10.60 -1.89
N GLY A 260 14.69 10.22 -3.15
CA GLY A 260 15.79 10.79 -3.89
C GLY A 260 15.53 12.22 -4.37
N GLU A 261 14.29 12.68 -4.22
CA GLU A 261 13.95 14.04 -4.68
C GLU A 261 13.88 15.06 -3.57
N LEU A 262 14.15 14.67 -2.31
CA LEU A 262 14.11 15.65 -1.20
C LEU A 262 14.94 16.89 -1.54
N LYS A 263 16.15 16.71 -2.04
CA LYS A 263 17.01 17.84 -2.32
C LYS A 263 16.54 18.73 -3.48
N HIS A 264 15.69 18.14 -4.33
CA HIS A 264 15.22 18.86 -5.51
C HIS A 264 14.05 19.79 -5.24
N GLY A 265 13.78 20.20 -4.04
CA GLY A 265 12.69 21.11 -3.76
C GLY A 265 12.26 21.19 -2.31
N PRO A 266 11.67 20.12 -1.80
CA PRO A 266 11.10 20.06 -0.47
C PRO A 266 12.04 20.39 0.66
N LEU A 267 13.35 20.22 0.47
CA LEU A 267 14.31 20.50 1.53
C LEU A 267 14.17 21.95 1.98
N ALA A 268 13.83 22.84 1.02
CA ALA A 268 13.66 24.27 1.35
C ALA A 268 12.52 24.55 2.30
N LEU A 269 11.58 23.63 2.49
CA LEU A 269 10.45 23.81 3.35
C LEU A 269 10.70 23.37 4.81
N ILE A 270 11.67 22.46 4.96
CA ILE A 270 11.83 21.80 6.25
C ILE A 270 12.25 22.72 7.40
N ASP A 271 11.53 22.51 8.49
CA ASP A 271 11.85 23.17 9.75
C ASP A 271 11.23 22.32 10.86
N ALA A 272 11.26 22.82 12.08
CA ALA A 272 10.76 22.09 13.22
C ALA A 272 9.29 21.75 13.14
N ASP A 273 8.56 22.51 12.33
CA ASP A 273 7.13 22.25 12.17
C ASP A 273 6.77 21.37 10.98
N MET A 274 7.80 20.79 10.37
CA MET A 274 7.54 19.87 9.26
C MET A 274 8.46 18.63 9.43
N PRO A 275 8.05 17.75 10.32
CA PRO A 275 8.82 16.50 10.56
C PRO A 275 8.94 15.70 9.28
N VAL A 276 10.07 15.03 9.08
CA VAL A 276 10.29 14.20 7.91
C VAL A 276 10.32 12.72 8.35
N ILE A 277 9.43 11.94 7.81
CA ILE A 277 9.35 10.50 8.09
C ILE A 277 10.02 9.73 6.98
N VAL A 278 10.90 8.76 7.28
CA VAL A 278 11.56 7.97 6.25
C VAL A 278 11.11 6.51 6.44
N VAL A 279 10.60 5.89 5.37
CA VAL A 279 10.08 4.53 5.54
C VAL A 279 11.07 3.47 5.07
N ALA A 280 11.65 2.75 6.04
CA ALA A 280 12.54 1.62 5.76
C ALA A 280 13.67 1.81 4.79
N PRO A 281 14.55 2.76 5.05
CA PRO A 281 15.68 3.00 4.19
C PRO A 281 16.84 2.01 4.40
N ASN A 282 17.64 1.80 3.38
CA ASN A 282 18.87 1.02 3.59
C ASN A 282 19.92 2.02 4.09
N ASN A 283 21.12 1.59 4.45
CA ASN A 283 22.15 2.46 4.95
C ASN A 283 22.58 3.58 4.02
N GLU A 284 22.78 3.25 2.75
CA GLU A 284 23.21 4.24 1.75
C GLU A 284 22.19 5.37 1.65
N LEU A 285 20.91 5.03 1.60
CA LEU A 285 19.85 6.07 1.52
C LEU A 285 19.81 6.89 2.79
N LEU A 286 19.82 6.21 3.95
CA LEU A 286 19.79 6.98 5.20
C LEU A 286 21.00 7.90 5.30
N GLU A 287 22.19 7.49 4.84
CA GLU A 287 23.32 8.41 4.89
C GLU A 287 23.04 9.70 4.12
N LYS A 288 22.49 9.53 2.90
CA LYS A 288 22.12 10.73 2.11
C LYS A 288 21.09 11.59 2.83
N LEU A 289 20.04 10.94 3.37
CA LEU A 289 18.98 11.71 4.05
C LEU A 289 19.48 12.40 5.29
N LYS A 290 20.43 11.74 6.01
CA LYS A 290 20.95 12.38 7.24
C LYS A 290 21.74 13.63 6.83
N SER A 291 22.47 13.48 5.73
CA SER A 291 23.24 14.60 5.22
C SER A 291 22.28 15.73 4.82
N ASN A 292 21.15 15.37 4.19
CA ASN A 292 20.17 16.44 3.85
C ASN A 292 19.60 17.10 5.10
N ILE A 293 19.21 16.30 6.11
CA ILE A 293 18.62 16.87 7.32
C ILE A 293 19.62 17.75 8.04
N GLU A 294 20.92 17.42 7.94
CA GLU A 294 21.96 18.25 8.56
C GLU A 294 21.95 19.64 7.92
N GLU A 295 21.70 19.71 6.60
CA GLU A 295 21.61 21.04 5.95
C GLU A 295 20.54 21.94 6.55
N VAL A 296 19.50 21.44 7.19
CA VAL A 296 18.44 22.23 7.78
C VAL A 296 18.42 22.15 9.30
N ARG A 297 19.62 21.82 9.84
CA ARG A 297 19.77 21.74 11.30
C ARG A 297 19.44 23.09 11.95
N ALA A 298 19.86 24.20 11.31
CA ALA A 298 19.56 25.54 11.86
C ALA A 298 18.10 25.85 12.03
N ARG A 299 17.26 25.15 11.24
CA ARG A 299 15.82 25.32 11.35
C ARG A 299 15.16 24.20 12.13
N GLY A 300 15.96 23.34 12.80
CA GLY A 300 15.37 22.27 13.62
C GLY A 300 14.77 21.13 12.79
N GLY A 301 15.27 20.90 11.58
CA GLY A 301 14.71 19.78 10.79
C GLY A 301 15.04 18.47 11.51
N GLN A 302 14.05 17.57 11.51
CA GLN A 302 14.26 16.27 12.13
C GLN A 302 13.75 15.14 11.25
N LEU A 303 14.48 14.01 11.30
CA LEU A 303 14.09 12.81 10.60
C LEU A 303 13.52 11.81 11.61
N TYR A 304 12.46 11.11 11.25
CA TYR A 304 11.86 10.04 12.04
C TYR A 304 11.92 8.83 11.12
N VAL A 305 12.75 7.84 11.47
CA VAL A 305 13.00 6.74 10.57
C VAL A 305 12.48 5.41 11.03
N PHE A 306 11.55 4.83 10.29
CA PHE A 306 11.07 3.48 10.64
C PHE A 306 12.10 2.56 9.97
N ALA A 307 12.85 1.75 10.75
CA ALA A 307 13.89 0.95 10.11
C ALA A 307 14.12 -0.41 10.79
N ASP A 308 14.64 -1.33 10.00
CA ASP A 308 15.01 -2.67 10.49
C ASP A 308 16.08 -2.51 11.61
N GLN A 309 15.77 -3.08 12.76
CA GLN A 309 16.76 -3.06 13.85
C GLN A 309 18.09 -3.63 13.39
N ASP A 310 18.08 -4.61 12.50
CA ASP A 310 19.32 -5.18 12.01
C ASP A 310 20.21 -4.21 11.26
N ALA A 311 19.68 -3.06 10.81
CA ALA A 311 20.52 -2.09 10.06
C ALA A 311 21.51 -1.43 11.01
N GLY A 312 21.22 -1.47 12.32
CA GLY A 312 22.11 -0.90 13.31
C GLY A 312 22.13 0.62 13.34
N PHE A 313 21.05 1.24 12.87
CA PHE A 313 21.02 2.72 12.90
C PHE A 313 20.94 3.18 14.35
N VAL A 314 21.58 4.32 14.65
CA VAL A 314 21.52 4.85 16.01
C VAL A 314 20.88 6.26 16.07
N SER A 315 19.94 6.49 16.97
CA SER A 315 19.32 7.80 17.02
C SER A 315 20.31 8.87 17.41
N SER A 316 20.09 10.07 16.91
CA SER A 316 20.89 11.25 17.21
C SER A 316 19.90 12.36 17.55
N ASP A 317 20.39 13.55 17.84
CA ASP A 317 19.45 14.61 18.23
C ASP A 317 18.44 14.97 17.13
N ASN A 318 18.81 14.84 15.88
CA ASN A 318 17.84 15.21 14.81
C ASN A 318 17.48 14.01 13.96
N MET A 319 17.75 12.79 14.41
CA MET A 319 17.43 11.58 13.66
C MET A 319 16.97 10.53 14.66
N HIS A 320 15.69 10.22 14.64
CA HIS A 320 15.07 9.32 15.60
C HIS A 320 14.72 8.00 14.94
N ILE A 321 15.46 6.95 15.30
CA ILE A 321 15.22 5.61 14.70
C ILE A 321 14.10 4.94 15.46
N ILE A 322 13.05 4.51 14.76
CA ILE A 322 11.93 3.78 15.34
C ILE A 322 12.19 2.36 14.80
N GLU A 323 12.84 1.56 15.65
CA GLU A 323 13.28 0.23 15.28
C GLU A 323 12.18 -0.79 15.10
N MET A 324 12.27 -1.54 14.01
CA MET A 324 11.30 -2.57 13.69
C MET A 324 12.07 -3.90 13.57
N PRO A 325 11.36 -4.98 13.82
CA PRO A 325 11.92 -6.32 13.65
C PRO A 325 12.30 -6.52 12.19
N HIS A 326 13.35 -7.28 11.98
CA HIS A 326 13.74 -7.64 10.62
C HIS A 326 12.57 -8.44 10.00
N VAL A 327 12.24 -8.22 8.74
CA VAL A 327 11.16 -8.96 8.09
C VAL A 327 11.66 -9.34 6.72
N GLU A 328 10.94 -10.28 6.08
CA GLU A 328 11.27 -10.71 4.72
C GLU A 328 11.10 -9.50 3.78
N GLU A 329 12.09 -9.19 2.98
CA GLU A 329 12.03 -8.07 2.06
C GLU A 329 10.79 -8.06 1.19
N VAL A 330 10.37 -9.22 0.69
CA VAL A 330 9.23 -9.32 -0.20
C VAL A 330 7.94 -8.78 0.41
N ILE A 331 7.76 -8.89 1.73
CA ILE A 331 6.54 -8.39 2.34
C ILE A 331 6.77 -7.10 3.15
N ALA A 332 8.00 -6.57 3.07
CA ALA A 332 8.31 -5.36 3.84
C ALA A 332 7.37 -4.18 3.60
N PRO A 333 7.00 -3.94 2.35
CA PRO A 333 6.06 -2.83 2.06
C PRO A 333 4.76 -3.02 2.79
N ILE A 334 4.25 -4.26 2.90
CA ILE A 334 3.01 -4.51 3.60
C ILE A 334 3.19 -4.26 5.09
N PHE A 335 4.31 -4.79 5.60
CA PHE A 335 4.64 -4.68 7.02
C PHE A 335 4.77 -3.21 7.47
N TYR A 336 5.50 -2.42 6.69
CA TYR A 336 5.74 -1.02 7.08
C TYR A 336 4.50 -0.13 6.94
N THR A 337 3.45 -0.63 6.33
CA THR A 337 2.21 0.15 6.23
C THR A 337 1.59 0.31 7.61
N VAL A 338 1.62 -0.77 8.41
CA VAL A 338 0.97 -0.79 9.69
C VAL A 338 1.37 0.27 10.67
N PRO A 339 2.63 0.56 10.94
CA PRO A 339 3.03 1.62 11.82
C PRO A 339 2.49 2.97 11.31
N LEU A 340 2.41 3.12 9.97
CA LEU A 340 1.92 4.42 9.46
C LEU A 340 0.43 4.54 9.64
N GLN A 341 -0.35 3.48 9.52
CA GLN A 341 -1.78 3.50 9.79
C GLN A 341 -1.99 3.83 11.28
N LEU A 342 -1.20 3.15 12.14
CA LEU A 342 -1.34 3.39 13.59
C LEU A 342 -0.92 4.80 13.99
N LEU A 343 0.12 5.33 13.34
CA LEU A 343 0.54 6.71 13.65
C LEU A 343 -0.63 7.66 13.34
N ALA A 344 -1.23 7.53 12.15
CA ALA A 344 -2.37 8.43 11.83
C ALA A 344 -3.51 8.25 12.80
N TYR A 345 -3.85 6.98 13.12
CA TYR A 345 -4.94 6.69 14.04
C TYR A 345 -4.68 7.32 15.41
N HIS A 346 -3.45 7.18 15.94
CA HIS A 346 -3.13 7.77 17.24
C HIS A 346 -3.16 9.30 17.23
N VAL A 347 -2.69 9.91 16.12
CA VAL A 347 -2.76 11.41 16.07
C VAL A 347 -4.23 11.79 16.04
N ALA A 348 -5.05 11.08 15.28
CA ALA A 348 -6.48 11.38 15.22
C ALA A 348 -7.15 11.26 16.59
N LEU A 349 -6.75 10.21 17.32
CA LEU A 349 -7.30 10.01 18.66
C LEU A 349 -6.94 11.16 19.60
N ILE A 350 -5.68 11.62 19.54
CA ILE A 350 -5.22 12.73 20.39
C ILE A 350 -5.99 14.02 20.11
N LYS A 351 -6.09 14.32 18.81
CA LYS A 351 -6.81 15.50 18.33
C LYS A 351 -8.33 15.35 18.48
N GLY A 352 -8.89 14.17 18.55
CA GLY A 352 -10.33 13.98 18.69
C GLY A 352 -11.07 14.21 17.36
N THR A 353 -10.42 13.87 16.25
CA THR A 353 -11.07 14.00 14.94
C THR A 353 -11.93 12.79 14.69
N ASP A 354 -12.82 12.90 13.70
CA ASP A 354 -13.77 11.84 13.35
C ASP A 354 -13.07 10.80 12.51
N VAL A 355 -12.43 9.84 13.21
CA VAL A 355 -11.68 8.77 12.56
C VAL A 355 -12.49 8.00 11.52
N ASP A 356 -13.68 7.54 11.89
CA ASP A 356 -14.46 6.69 10.99
C ASP A 356 -15.12 7.45 9.82
N GLN A 357 -15.41 8.73 10.06
CA GLN A 357 -16.01 9.56 9.00
C GLN A 357 -15.31 10.92 8.93
N PRO A 358 -14.10 10.95 8.45
CA PRO A 358 -13.31 12.18 8.37
C PRO A 358 -14.03 13.22 7.53
N ARG A 359 -13.88 14.49 7.90
CA ARG A 359 -14.61 15.53 7.16
C ARG A 359 -14.34 15.47 5.64
N ASN A 360 -15.44 15.65 4.88
CA ASN A 360 -15.45 15.80 3.44
C ASN A 360 -15.04 14.60 2.64
N LEU A 361 -14.82 13.46 3.28
CA LEU A 361 -14.43 12.26 2.52
C LEU A 361 -15.58 11.26 2.48
N ALA A 362 -15.52 10.37 1.46
CA ALA A 362 -16.59 9.37 1.31
C ALA A 362 -15.95 7.97 1.26
N LYS A 363 -16.73 6.98 1.67
CA LYS A 363 -16.21 5.59 1.58
C LYS A 363 -15.89 5.25 0.14
N SER A 364 -16.78 5.64 -0.80
CA SER A 364 -16.53 5.41 -2.23
C SER A 364 -17.24 6.53 -3.03
N VAL A 365 -16.56 7.00 -4.04
CA VAL A 365 -17.11 8.10 -4.88
C VAL A 365 -17.72 7.37 -6.09
N THR A 366 -19.02 7.09 -5.92
CA THR A 366 -19.71 6.26 -6.93
C THR A 366 -20.46 7.04 -7.98
N VAL A 367 -20.56 8.34 -7.84
CA VAL A 367 -21.22 9.22 -8.77
C VAL A 367 -20.28 10.29 -9.31
N GLU A 368 -20.39 10.50 -10.62
CA GLU A 368 -19.56 11.52 -11.29
C GLU A 368 -19.60 12.87 -10.61
#